data_9EB6
#
_entry.id   9EB6
#
_cell.length_a   55.289
_cell.length_b   55.410
_cell.length_c   137.904
_cell.angle_alpha   90.00
_cell.angle_beta   97.92
_cell.angle_gamma   90.00
#
_symmetry.space_group_name_H-M   'I 1 2 1'
#
loop_
_entity.id
_entity.type
_entity.pdbx_description
1 polymer 'MHC Rfp-Y class I alpha chain'
2 polymer Beta-2-microglobulin
3 polymer 'Peptide derived from tegument protein CIRC'
4 non-polymer 'TRIETHYLENE GLYCOL'
5 non-polymer GLYCEROL
6 non-polymer 'CHLORIDE ION'
7 non-polymer 'SODIUM ION'
8 non-polymer 'MYRISTIC ACID'
9 water water
#
loop_
_entity_poly.entity_id
_entity_poly.type
_entity_poly.pdbx_seq_one_letter_code
_entity_poly.pdbx_strand_id
1 'polypeptide(L)'
;GSHSLRYFLTGMTDPGPGMPRFVIVGYVDDKIFGTYNSKSRTAQPIVEMLPQEDQEHWDTQTQKAQGGERDFDWNLNRLP
ERYNKSKGSHTMQMMFGCDILEDGSIRGYDQYAFDGRDFLAFDMDTMTFTAADPVAEITKRRWETEGTYAERWKHELGTV
CVQNLRRYLEHGKAALKRRVQPEVRVWGKEADGILTLSCHAHGFYPRPITISWMKDGMVRDQETRWGGIVPNSDGTYHAS
AAIDVLPEDGDKYWCRVEHASLPQPGLFSW
;
A
2 'polypeptide(L)'
;DLTPKVQVYSRFPASAGTKNVLNCFAAGFHPPKISITLMKDGVPMEGAQYSDMSFNDDWTFQRLVHADFTPSSGSTYACK
VEHETLKEPQVYKWDPEF
;
B
3 'polypeptide(L)' GIIFS C
#
loop_
_chem_comp.id
_chem_comp.type
_chem_comp.name
_chem_comp.formula
CL non-polymer 'CHLORIDE ION' 'Cl -1'
GOL non-polymer GLYCEROL 'C3 H8 O3'
MYR non-polymer 'MYRISTIC ACID' 'C14 H28 O2'
NA non-polymer 'SODIUM ION' 'Na 1'
PGE non-polymer 'TRIETHYLENE GLYCOL' 'C6 H14 O4'
#
# COMPACT_ATOMS: atom_id res chain seq x y z
N GLY A 1 -11.51 3.34 -17.95
CA GLY A 1 -12.95 3.51 -18.02
C GLY A 1 -13.62 3.27 -16.67
N SER A 2 -13.16 2.25 -15.95
CA SER A 2 -13.77 1.93 -14.66
C SER A 2 -13.03 2.64 -13.53
N HIS A 3 -13.72 2.84 -12.42
CA HIS A 3 -13.11 3.46 -11.25
C HIS A 3 -13.47 2.68 -10.01
N SER A 4 -12.64 2.85 -8.97
CA SER A 4 -12.74 2.05 -7.75
CA SER A 4 -12.75 2.05 -7.75
C SER A 4 -12.62 2.93 -6.51
N LEU A 5 -13.43 2.60 -5.50
CA LEU A 5 -13.31 3.16 -4.15
C LEU A 5 -13.11 2.00 -3.19
N ARG A 6 -12.08 2.08 -2.34
CA ARG A 6 -11.75 1.00 -1.42
C ARG A 6 -11.37 1.60 -0.07
N TYR A 7 -11.87 1.00 1.00
CA TYR A 7 -11.44 1.32 2.36
C TYR A 7 -10.71 0.13 2.97
N PHE A 8 -9.59 0.41 3.63
CA PHE A 8 -8.78 -0.62 4.30
C PHE A 8 -8.77 -0.34 5.79
N LEU A 9 -9.46 -1.17 6.57
CA LEU A 9 -9.64 -0.94 8.01
C LEU A 9 -8.86 -1.99 8.79
N THR A 10 -8.03 -1.54 9.74
CA THR A 10 -7.24 -2.44 10.59
CA THR A 10 -7.25 -2.45 10.59
C THR A 10 -7.49 -2.14 12.07
N GLY A 11 -7.80 -3.17 12.84
CA GLY A 11 -7.81 -3.08 14.29
C GLY A 11 -6.76 -4.03 14.85
N MET A 12 -6.05 -3.58 15.87
CA MET A 12 -4.87 -4.25 16.37
C MET A 12 -4.88 -4.28 17.88
N THR A 13 -4.62 -5.44 18.47
CA THR A 13 -4.39 -5.41 19.91
C THR A 13 -2.98 -5.01 20.27
N ASP A 14 -2.05 -4.96 19.31
CA ASP A 14 -0.63 -4.71 19.58
C ASP A 14 -0.02 -3.92 18.43
N PRO A 15 -0.41 -2.65 18.28
CA PRO A 15 0.04 -1.89 17.11
C PRO A 15 1.48 -1.42 17.21
N GLY A 16 2.07 -1.43 18.41
CA GLY A 16 3.42 -0.97 18.58
C GLY A 16 3.48 0.40 19.23
N PRO A 17 4.66 0.77 19.73
CA PRO A 17 4.78 2.03 20.48
C PRO A 17 4.39 3.23 19.65
N GLY A 18 3.55 4.09 20.24
CA GLY A 18 3.09 5.31 19.61
C GLY A 18 2.13 5.14 18.45
N MET A 19 1.69 3.90 18.17
CA MET A 19 0.88 3.67 16.97
CA MET A 19 0.88 3.67 16.97
C MET A 19 -0.59 3.49 17.33
N PRO A 20 -1.50 3.99 16.50
CA PRO A 20 -2.93 3.85 16.83
C PRO A 20 -3.38 2.40 16.67
N ARG A 21 -4.28 1.97 17.54
CA ARG A 21 -4.77 0.60 17.48
C ARG A 21 -5.84 0.40 16.42
N PHE A 22 -6.34 1.47 15.79
CA PHE A 22 -7.33 1.31 14.72
C PHE A 22 -7.08 2.40 13.67
N VAL A 23 -7.13 1.98 12.41
CA VAL A 23 -6.72 2.81 11.28
C VAL A 23 -7.65 2.54 10.10
N ILE A 24 -8.01 3.60 9.37
CA ILE A 24 -8.69 3.43 8.09
C ILE A 24 -7.95 4.23 7.04
N VAL A 25 -7.69 3.62 5.89
CA VAL A 25 -7.10 4.30 4.73
CA VAL A 25 -7.10 4.30 4.74
C VAL A 25 -8.04 4.10 3.56
N GLY A 26 -8.42 5.21 2.93
CA GLY A 26 -9.35 5.18 1.81
C GLY A 26 -8.62 5.49 0.52
N TYR A 27 -8.96 4.75 -0.53
CA TYR A 27 -8.31 4.84 -1.83
C TYR A 27 -9.35 5.11 -2.90
N VAL A 28 -9.04 6.05 -3.80
CA VAL A 28 -9.80 6.22 -5.04
C VAL A 28 -8.85 5.86 -6.18
N ASP A 29 -9.18 4.79 -6.90
CA ASP A 29 -8.25 4.21 -7.86
C ASP A 29 -6.91 3.99 -7.18
N ASP A 30 -5.82 4.54 -7.73
CA ASP A 30 -4.50 4.32 -7.15
C ASP A 30 -4.04 5.47 -6.25
N LYS A 31 -4.93 6.04 -5.44
CA LYS A 31 -4.58 7.25 -4.72
C LYS A 31 -5.27 7.32 -3.38
N ILE A 32 -4.51 7.58 -2.30
CA ILE A 32 -5.12 7.75 -0.98
C ILE A 32 -5.86 9.08 -0.96
N PHE A 33 -7.15 9.04 -0.63
CA PHE A 33 -7.92 10.28 -0.55
C PHE A 33 -8.19 10.71 0.89
N GLY A 34 -8.09 9.81 1.85
CA GLY A 34 -8.31 10.23 3.23
C GLY A 34 -7.96 9.11 4.17
N THR A 35 -7.93 9.46 5.46
CA THR A 35 -7.55 8.51 6.50
C THR A 35 -8.27 8.83 7.79
N TYR A 36 -8.31 7.82 8.66
CA TYR A 36 -8.80 7.94 10.04
C TYR A 36 -7.90 7.10 10.93
N ASN A 37 -7.71 7.55 12.17
CA ASN A 37 -7.10 6.64 13.15
C ASN A 37 -7.60 6.96 14.55
N SER A 38 -7.47 5.95 15.42
CA SER A 38 -7.98 6.06 16.79
C SER A 38 -7.26 7.09 17.65
N LYS A 39 -6.09 7.61 17.24
CA LYS A 39 -5.51 8.66 18.09
C LYS A 39 -6.08 10.04 17.77
N SER A 40 -6.09 10.42 16.49
CA SER A 40 -6.66 11.70 16.11
C SER A 40 -8.18 11.67 16.22
N ARG A 41 -8.81 10.52 15.97
N ARG A 41 -8.81 10.52 15.99
CA ARG A 41 -10.26 10.36 16.06
CA ARG A 41 -10.25 10.34 16.06
C ARG A 41 -10.99 11.22 15.05
C ARG A 41 -10.99 11.21 15.04
N THR A 42 -10.31 11.58 13.95
CA THR A 42 -10.85 12.46 12.93
CA THR A 42 -10.90 12.42 12.93
C THR A 42 -10.60 11.83 11.56
N ALA A 43 -11.61 11.82 10.71
CA ALA A 43 -11.41 11.43 9.33
C ALA A 43 -11.02 12.70 8.60
N GLN A 44 -9.98 12.61 7.77
CA GLN A 44 -9.41 13.82 7.21
C GLN A 44 -8.99 13.55 5.78
N PRO A 45 -9.28 14.48 4.87
CA PRO A 45 -8.91 14.27 3.47
C PRO A 45 -7.42 14.48 3.28
N ILE A 46 -6.89 13.88 2.21
CA ILE A 46 -5.56 14.24 1.74
C ILE A 46 -5.70 15.49 0.89
N VAL A 47 -5.16 16.61 1.37
CA VAL A 47 -5.47 17.90 0.76
C VAL A 47 -4.84 18.03 -0.64
N GLU A 48 -3.71 17.38 -0.87
CA GLU A 48 -3.13 17.44 -2.21
C GLU A 48 -4.03 16.78 -3.24
N MET A 49 -4.90 15.87 -2.82
CA MET A 49 -5.89 15.31 -3.72
C MET A 49 -7.21 16.07 -3.69
N LEU A 50 -7.70 16.38 -2.48
CA LEU A 50 -9.02 16.97 -2.26
C LEU A 50 -8.76 18.32 -1.58
N PRO A 51 -8.47 19.36 -2.35
CA PRO A 51 -8.05 20.64 -1.77
C PRO A 51 -9.17 21.52 -1.25
N GLN A 52 -10.43 21.22 -1.52
CA GLN A 52 -11.52 22.15 -1.20
C GLN A 52 -12.68 21.41 -0.57
N GLU A 53 -12.39 20.58 0.44
CA GLU A 53 -13.46 19.78 1.06
C GLU A 53 -14.27 20.61 2.05
N ASP A 54 -15.56 20.28 2.15
CA ASP A 54 -16.46 20.90 3.11
C ASP A 54 -16.49 20.09 4.40
N GLN A 55 -16.66 20.80 5.52
CA GLN A 55 -16.63 20.13 6.81
C GLN A 55 -17.78 19.15 6.98
N GLU A 56 -18.94 19.44 6.38
CA GLU A 56 -20.12 18.60 6.57
C GLU A 56 -19.84 17.17 6.13
N HIS A 57 -19.22 17.03 4.95
CA HIS A 57 -18.93 15.69 4.45
C HIS A 57 -18.02 14.93 5.40
N TRP A 58 -16.96 15.58 5.91
CA TRP A 58 -15.99 14.87 6.74
C TRP A 58 -16.46 14.72 8.20
N ASP A 59 -17.37 15.57 8.68
CA ASP A 59 -18.10 15.28 9.93
C ASP A 59 -18.79 13.93 9.86
N THR A 60 -19.48 13.67 8.75
CA THR A 60 -20.14 12.38 8.54
C THR A 60 -19.14 11.23 8.47
N GLN A 61 -18.06 11.38 7.69
CA GLN A 61 -17.07 10.30 7.62
C GLN A 61 -16.47 10.00 8.99
N THR A 62 -16.19 11.05 9.77
CA THR A 62 -15.62 10.85 11.10
C THR A 62 -16.56 10.04 11.99
N GLN A 63 -17.85 10.36 11.98
CA GLN A 63 -18.76 9.63 12.86
C GLN A 63 -18.93 8.17 12.42
N LYS A 64 -18.99 7.93 11.10
CA LYS A 64 -19.06 6.55 10.63
C LYS A 64 -17.79 5.77 11.00
N ALA A 65 -16.64 6.41 10.91
CA ALA A 65 -15.39 5.72 11.22
C ALA A 65 -15.27 5.42 12.71
N GLN A 66 -15.73 6.34 13.55
CA GLN A 66 -15.71 6.10 14.99
C GLN A 66 -16.62 4.92 15.33
N GLY A 67 -17.69 4.74 14.57
CA GLY A 67 -18.52 3.56 14.78
C GLY A 67 -17.80 2.29 14.39
N GLY A 68 -17.05 2.35 13.29
CA GLY A 68 -16.21 1.21 12.93
C GLY A 68 -15.18 0.89 14.00
N GLU A 69 -14.54 1.92 14.54
CA GLU A 69 -13.58 1.70 15.62
C GLU A 69 -14.20 0.93 16.78
N ARG A 70 -15.43 1.30 17.17
CA ARG A 70 -16.05 0.63 18.32
C ARG A 70 -16.37 -0.83 17.98
N ASP A 71 -16.81 -1.07 16.75
CA ASP A 71 -17.11 -2.44 16.33
C ASP A 71 -15.86 -3.32 16.34
N PHE A 72 -14.74 -2.80 15.81
CA PHE A 72 -13.49 -3.56 15.85
C PHE A 72 -13.04 -3.80 17.28
N ASP A 73 -13.21 -2.81 18.15
CA ASP A 73 -12.95 -3.00 19.56
C ASP A 73 -13.84 -4.09 20.13
N TRP A 74 -15.13 -4.04 19.81
CA TRP A 74 -16.07 -5.03 20.34
C TRP A 74 -15.67 -6.44 19.92
N ASN A 75 -15.33 -6.63 18.64
CA ASN A 75 -14.96 -7.95 18.15
C ASN A 75 -13.67 -8.43 18.78
N LEU A 76 -12.62 -7.60 18.72
CA LEU A 76 -11.32 -8.00 19.25
C LEU A 76 -11.38 -8.36 20.73
N ASN A 77 -12.34 -7.79 21.47
CA ASN A 77 -12.54 -8.15 22.88
C ASN A 77 -13.52 -9.29 23.05
N ARG A 78 -13.77 -10.05 21.98
CA ARG A 78 -14.80 -11.09 22.04
C ARG A 78 -14.45 -12.28 21.15
N LEU A 79 -13.19 -12.45 20.80
CA LEU A 79 -12.80 -13.57 19.93
CA LEU A 79 -12.82 -13.56 19.93
C LEU A 79 -12.99 -14.89 20.67
N PRO A 80 -13.65 -15.87 20.06
CA PRO A 80 -13.80 -17.18 20.70
C PRO A 80 -12.45 -17.80 21.01
N GLU A 81 -12.48 -18.85 21.82
CA GLU A 81 -11.27 -19.60 22.16
C GLU A 81 -10.64 -20.23 20.92
N ARG A 82 -11.28 -20.06 19.76
CA ARG A 82 -10.94 -20.74 18.52
C ARG A 82 -9.45 -21.05 18.40
N LYS A 87 -2.88 -16.90 23.13
CA LYS A 87 -1.53 -16.33 23.19
C LYS A 87 -1.28 -15.42 21.99
N GLY A 88 -0.50 -14.36 22.22
CA GLY A 88 -0.09 -13.47 21.14
C GLY A 88 -1.09 -12.36 20.88
N SER A 89 -0.72 -11.52 19.90
CA SER A 89 -1.56 -10.41 19.49
C SER A 89 -2.62 -10.89 18.50
N HIS A 90 -3.56 -10.01 18.19
CA HIS A 90 -4.63 -10.34 17.25
C HIS A 90 -4.96 -9.13 16.38
N THR A 91 -5.52 -9.39 15.21
CA THR A 91 -5.90 -8.33 14.30
C THR A 91 -7.26 -8.60 13.73
N MET A 92 -8.00 -7.53 13.48
N MET A 92 -7.94 -7.53 13.37
CA MET A 92 -9.17 -7.53 12.63
CA MET A 92 -9.20 -7.57 12.64
C MET A 92 -8.87 -6.70 11.41
C MET A 92 -9.09 -6.63 11.45
N GLN A 93 -9.38 -7.14 10.26
CA GLN A 93 -9.29 -6.35 9.05
C GLN A 93 -10.60 -6.43 8.27
N MET A 94 -10.87 -5.35 7.57
CA MET A 94 -12.01 -5.23 6.67
C MET A 94 -11.58 -4.46 5.43
N MET A 95 -12.01 -4.93 4.25
CA MET A 95 -11.82 -4.18 3.02
C MET A 95 -13.19 -4.09 2.35
N PHE A 96 -13.65 -2.89 2.05
CA PHE A 96 -14.93 -2.77 1.36
C PHE A 96 -14.89 -1.60 0.39
N GLY A 97 -15.83 -1.60 -0.53
CA GLY A 97 -15.94 -0.49 -1.46
C GLY A 97 -16.75 -0.89 -2.68
N CYS A 98 -16.52 -0.18 -3.77
CA CYS A 98 -17.32 -0.38 -4.96
C CYS A 98 -16.50 -0.07 -6.20
N ASP A 99 -16.93 -0.63 -7.32
CA ASP A 99 -16.46 -0.28 -8.65
C ASP A 99 -17.65 0.31 -9.40
N ILE A 100 -17.38 1.35 -10.19
CA ILE A 100 -18.30 1.81 -11.22
C ILE A 100 -17.67 1.46 -12.55
N LEU A 101 -18.31 0.59 -13.32
CA LEU A 101 -17.73 0.23 -14.60
C LEU A 101 -18.05 1.31 -15.63
N GLU A 102 -17.45 1.18 -16.81
CA GLU A 102 -17.57 2.21 -17.84
C GLU A 102 -19.03 2.43 -18.24
N ASP A 103 -19.86 1.38 -18.24
CA ASP A 103 -21.27 1.52 -18.58
C ASP A 103 -22.14 1.89 -17.37
N GLY A 104 -21.53 2.21 -16.23
CA GLY A 104 -22.29 2.62 -15.06
C GLY A 104 -22.70 1.50 -14.13
N SER A 105 -22.57 0.25 -14.54
CA SER A 105 -22.91 -0.82 -13.62
C SER A 105 -21.95 -0.81 -12.43
N ILE A 106 -22.38 -1.44 -11.34
CA ILE A 106 -21.74 -1.31 -10.05
C ILE A 106 -21.32 -2.68 -9.56
N ARG A 107 -20.20 -2.74 -8.84
CA ARG A 107 -19.78 -3.94 -8.13
C ARG A 107 -19.46 -3.51 -6.71
N GLY A 108 -19.88 -4.32 -5.73
CA GLY A 108 -19.58 -4.04 -4.33
C GLY A 108 -18.62 -5.10 -3.78
N TYR A 109 -17.85 -4.71 -2.77
CA TYR A 109 -16.89 -5.57 -2.10
C TYR A 109 -16.98 -5.40 -0.59
N ASP A 110 -16.90 -6.51 0.13
CA ASP A 110 -17.03 -6.42 1.57
C ASP A 110 -16.50 -7.72 2.16
N GLN A 111 -15.32 -7.67 2.77
CA GLN A 111 -14.66 -8.88 3.28
C GLN A 111 -13.97 -8.55 4.58
N TYR A 112 -13.96 -9.53 5.48
CA TYR A 112 -13.30 -9.42 6.77
C TYR A 112 -12.22 -10.47 6.92
N ALA A 113 -11.22 -10.16 7.74
CA ALA A 113 -10.19 -11.13 8.08
C ALA A 113 -9.85 -11.01 9.56
N PHE A 114 -9.57 -12.14 10.16
CA PHE A 114 -9.18 -12.26 11.54
C PHE A 114 -7.79 -12.86 11.60
N ASP A 115 -6.89 -12.18 12.32
CA ASP A 115 -5.49 -12.61 12.40
C ASP A 115 -4.90 -12.89 11.01
N GLY A 116 -5.35 -12.13 10.03
CA GLY A 116 -4.75 -12.15 8.70
C GLY A 116 -5.27 -13.25 7.81
N ARG A 117 -6.29 -14.00 8.26
CA ARG A 117 -6.92 -15.07 7.48
C ARG A 117 -8.34 -14.67 7.11
N ASP A 118 -8.75 -14.98 5.88
CA ASP A 118 -10.16 -14.79 5.48
C ASP A 118 -11.09 -15.24 6.59
N PHE A 119 -12.13 -14.46 6.83
CA PHE A 119 -13.10 -14.81 7.87
C PHE A 119 -14.53 -14.84 7.34
N LEU A 120 -15.01 -13.72 6.82
CA LEU A 120 -16.38 -13.60 6.36
C LEU A 120 -16.42 -12.63 5.18
N ALA A 121 -17.29 -12.89 4.20
CA ALA A 121 -17.52 -11.94 3.12
C ALA A 121 -19.02 -11.80 2.88
N PHE A 122 -19.39 -10.68 2.26
CA PHE A 122 -20.76 -10.36 1.92
C PHE A 122 -20.84 -9.97 0.46
N ASP A 123 -21.73 -10.63 -0.29
CA ASP A 123 -21.90 -10.40 -1.72
C ASP A 123 -23.21 -9.65 -1.94
N MET A 124 -23.15 -8.38 -2.37
CA MET A 124 -24.40 -7.63 -2.38
C MET A 124 -25.29 -8.02 -3.53
N ASP A 125 -24.73 -8.55 -4.62
CA ASP A 125 -25.54 -8.92 -5.78
C ASP A 125 -26.52 -10.03 -5.45
N THR A 126 -26.08 -11.03 -4.67
CA THR A 126 -26.94 -12.11 -4.24
C THR A 126 -27.44 -11.92 -2.82
N MET A 127 -27.05 -10.84 -2.15
CA MET A 127 -27.30 -10.68 -0.71
C MET A 127 -27.05 -11.97 0.05
N THR A 128 -25.85 -12.53 -0.12
CA THR A 128 -25.48 -13.73 0.62
C THR A 128 -24.16 -13.51 1.33
N PHE A 129 -23.98 -14.25 2.42
CA PHE A 129 -22.69 -14.25 3.09
C PHE A 129 -21.93 -15.52 2.76
N THR A 130 -20.61 -15.44 2.88
CA THR A 130 -19.69 -16.58 2.74
CA THR A 130 -19.75 -16.61 2.79
C THR A 130 -18.80 -16.64 3.97
N ALA A 131 -18.76 -17.75 4.66
CA ALA A 131 -17.91 -17.93 5.83
C ALA A 131 -16.68 -18.73 5.45
N ALA A 132 -15.51 -18.33 5.95
CA ALA A 132 -14.29 -19.02 5.56
C ALA A 132 -14.00 -20.26 6.37
N ASP A 133 -14.76 -20.50 7.44
CA ASP A 133 -14.59 -21.69 8.26
C ASP A 133 -15.78 -21.85 9.21
N PRO A 134 -15.82 -22.95 9.96
CA PRO A 134 -16.99 -23.20 10.81
C PRO A 134 -17.18 -22.19 11.94
N VAL A 135 -16.14 -21.49 12.39
CA VAL A 135 -16.33 -20.47 13.41
C VAL A 135 -16.99 -19.22 12.81
N ALA A 136 -16.45 -18.75 11.68
CA ALA A 136 -17.12 -17.68 10.95
C ALA A 136 -18.56 -18.06 10.62
N GLU A 137 -18.83 -19.34 10.47
CA GLU A 137 -20.16 -19.75 10.04
C GLU A 137 -21.18 -19.42 11.11
N ILE A 138 -20.76 -19.36 12.37
CA ILE A 138 -21.67 -18.93 13.44
C ILE A 138 -22.09 -17.48 13.22
N THR A 139 -21.13 -16.61 12.87
CA THR A 139 -21.47 -15.21 12.63
C THR A 139 -22.37 -15.06 11.40
N LYS A 140 -22.06 -15.78 10.33
CA LYS A 140 -22.88 -15.71 9.14
C LYS A 140 -24.34 -16.09 9.45
N ARG A 141 -24.55 -17.18 10.16
CA ARG A 141 -25.93 -17.58 10.41
C ARG A 141 -26.67 -16.56 11.29
N ARG A 142 -25.98 -15.99 12.28
CA ARG A 142 -26.59 -14.93 13.09
C ARG A 142 -26.92 -13.71 12.24
N TRP A 143 -26.00 -13.30 11.36
CA TRP A 143 -26.25 -12.13 10.53
C TRP A 143 -27.39 -12.37 9.56
N GLU A 144 -27.37 -13.54 8.91
CA GLU A 144 -28.53 -13.78 8.02
CA GLU A 144 -28.55 -13.89 8.06
C GLU A 144 -29.96 -13.91 8.73
N THR A 145 -29.91 -14.53 9.91
CA THR A 145 -31.17 -14.68 10.63
C THR A 145 -31.69 -13.35 11.16
N GLU A 146 -30.77 -12.52 11.68
CA GLU A 146 -31.07 -11.18 12.16
C GLU A 146 -31.66 -10.32 11.03
N GLY A 147 -31.19 -10.53 9.80
CA GLY A 147 -31.82 -9.96 8.62
C GLY A 147 -31.62 -8.48 8.39
N THR A 148 -30.66 -7.84 9.08
CA THR A 148 -30.47 -6.41 8.88
C THR A 148 -29.16 -6.03 8.22
N TYR A 149 -28.09 -6.81 8.44
CA TYR A 149 -26.80 -6.47 7.86
C TYR A 149 -26.89 -6.38 6.34
N ALA A 150 -27.52 -7.37 5.71
CA ALA A 150 -27.57 -7.40 4.25
C ALA A 150 -28.19 -6.12 3.67
N GLU A 151 -29.30 -5.65 4.25
CA GLU A 151 -29.95 -4.44 3.74
C GLU A 151 -29.07 -3.22 3.96
N ARG A 152 -28.45 -3.11 5.15
CA ARG A 152 -27.59 -1.97 5.43
C ARG A 152 -26.42 -1.92 4.47
N TRP A 153 -25.82 -3.06 4.16
CA TRP A 153 -24.63 -2.98 3.34
C TRP A 153 -24.94 -2.98 1.85
N LYS A 154 -26.11 -3.49 1.45
CA LYS A 154 -26.57 -3.19 0.09
C LYS A 154 -26.60 -1.68 -0.12
N HIS A 155 -27.15 -0.95 0.85
CA HIS A 155 -27.24 0.51 0.73
C HIS A 155 -25.87 1.14 0.76
N GLU A 156 -25.05 0.77 1.75
CA GLU A 156 -23.71 1.33 1.88
C GLU A 156 -22.88 1.11 0.61
N LEU A 157 -22.86 -0.13 0.11
CA LEU A 157 -22.01 -0.44 -1.03
C LEU A 157 -22.60 0.06 -2.34
N GLY A 158 -23.89 -0.16 -2.58
CA GLY A 158 -24.46 0.16 -3.87
C GLY A 158 -24.96 1.56 -4.04
N THR A 159 -25.11 2.31 -2.95
CA THR A 159 -25.61 3.68 -3.01
C THR A 159 -24.63 4.68 -2.39
N VAL A 160 -24.28 4.50 -1.11
CA VAL A 160 -23.38 5.47 -0.47
C VAL A 160 -22.00 5.45 -1.12
N CYS A 161 -21.39 4.27 -1.22
CA CYS A 161 -20.05 4.18 -1.80
C CYS A 161 -20.02 4.75 -3.21
N VAL A 162 -21.02 4.40 -4.04
CA VAL A 162 -21.06 4.93 -5.40
C VAL A 162 -21.13 6.45 -5.37
N GLN A 163 -22.05 6.99 -4.57
CA GLN A 163 -22.18 8.44 -4.47
C GLN A 163 -20.87 9.09 -4.06
N ASN A 164 -20.17 8.48 -3.09
CA ASN A 164 -18.92 9.09 -2.62
C ASN A 164 -17.81 8.92 -3.65
N LEU A 165 -17.76 7.77 -4.33
CA LEU A 165 -16.79 7.62 -5.42
C LEU A 165 -16.95 8.72 -6.45
N ARG A 166 -18.18 8.94 -6.96
CA ARG A 166 -18.38 10.00 -7.94
C ARG A 166 -17.96 11.36 -7.37
N ARG A 167 -18.20 11.60 -6.09
CA ARG A 167 -17.83 12.88 -5.50
C ARG A 167 -16.31 13.05 -5.49
N TYR A 168 -15.58 12.04 -5.01
CA TYR A 168 -14.13 12.15 -4.97
C TYR A 168 -13.55 12.22 -6.38
N LEU A 169 -14.15 11.51 -7.34
CA LEU A 169 -13.66 11.61 -8.72
C LEU A 169 -13.75 13.05 -9.20
N GLU A 170 -14.83 13.75 -8.85
CA GLU A 170 -14.99 15.11 -9.32
C GLU A 170 -14.14 16.08 -8.52
N HIS A 171 -14.22 15.99 -7.18
CA HIS A 171 -13.46 16.91 -6.33
C HIS A 171 -11.95 16.71 -6.50
N GLY A 172 -11.52 15.49 -6.80
CA GLY A 172 -10.09 15.19 -6.91
C GLY A 172 -9.57 15.10 -8.33
N LYS A 173 -10.32 15.63 -9.30
CA LYS A 173 -10.06 15.32 -10.71
C LYS A 173 -8.72 15.88 -11.17
N ALA A 174 -8.33 17.04 -10.64
CA ALA A 174 -7.04 17.62 -11.01
C ALA A 174 -5.90 16.67 -10.64
N ALA A 175 -5.89 16.19 -9.40
CA ALA A 175 -4.85 15.27 -8.97
C ALA A 175 -4.94 13.93 -9.70
N LEU A 176 -6.16 13.43 -9.95
CA LEU A 176 -6.26 12.09 -10.54
C LEU A 176 -5.82 12.07 -11.99
N LYS A 177 -5.90 13.20 -12.68
CA LYS A 177 -5.66 13.19 -14.11
C LYS A 177 -4.27 13.64 -14.50
N ARG A 178 -3.51 14.22 -13.56
CA ARG A 178 -2.21 14.82 -13.85
C ARG A 178 -1.16 13.71 -14.01
N ARG A 179 -0.71 13.48 -15.23
CA ARG A 179 0.27 12.42 -15.47
C ARG A 179 1.67 12.90 -15.12
N VAL A 180 2.43 12.03 -14.45
CA VAL A 180 3.78 12.36 -13.98
C VAL A 180 4.74 11.35 -14.60
N GLN A 181 5.69 11.84 -15.39
CA GLN A 181 6.61 10.99 -16.14
C GLN A 181 7.65 10.38 -15.21
N PRO A 182 8.00 9.12 -15.41
CA PRO A 182 9.06 8.52 -14.57
C PRO A 182 10.42 9.09 -14.94
N GLU A 183 11.27 9.21 -13.93
N GLU A 183 11.27 9.26 -13.94
CA GLU A 183 12.68 9.52 -14.10
CA GLU A 183 12.67 9.54 -14.19
C GLU A 183 13.41 8.19 -14.01
C GLU A 183 13.41 8.23 -14.03
N VAL A 184 14.06 7.78 -15.09
CA VAL A 184 14.60 6.44 -15.21
C VAL A 184 16.11 6.48 -15.04
N ARG A 185 16.64 5.54 -14.27
CA ARG A 185 18.07 5.42 -14.02
C ARG A 185 18.48 3.97 -14.22
N VAL A 186 19.52 3.76 -15.03
CA VAL A 186 20.09 2.44 -15.27
C VAL A 186 21.54 2.49 -14.80
N TRP A 187 21.95 1.49 -14.00
CA TRP A 187 23.36 1.44 -13.63
C TRP A 187 23.78 -0.02 -13.48
N GLY A 188 25.09 -0.24 -13.52
CA GLY A 188 25.62 -1.59 -13.45
C GLY A 188 26.68 -1.74 -12.38
N LYS A 189 26.71 -2.92 -11.76
CA LYS A 189 27.72 -3.29 -10.76
C LYS A 189 28.32 -4.63 -11.14
N GLU A 190 29.65 -4.70 -11.21
CA GLU A 190 30.37 -5.89 -11.64
C GLU A 190 30.74 -6.73 -10.42
N ALA A 191 29.98 -7.80 -10.18
CA ALA A 191 30.21 -8.72 -9.07
C ALA A 191 30.88 -9.98 -9.61
N ASP A 192 32.09 -10.27 -9.14
CA ASP A 192 32.89 -11.35 -9.71
C ASP A 192 33.03 -11.13 -11.20
N GLY A 193 32.53 -12.07 -12.00
CA GLY A 193 32.48 -11.92 -13.43
C GLY A 193 31.13 -11.50 -13.98
N ILE A 194 30.14 -11.29 -13.12
CA ILE A 194 28.78 -10.93 -13.52
C ILE A 194 28.62 -9.42 -13.44
N LEU A 195 27.95 -8.85 -14.44
CA LEU A 195 27.56 -7.45 -14.43
C LEU A 195 26.05 -7.40 -14.23
N THR A 196 25.61 -6.88 -13.09
CA THR A 196 24.19 -6.76 -12.82
C THR A 196 23.71 -5.37 -13.28
N LEU A 197 22.70 -5.35 -14.14
CA LEU A 197 22.14 -4.11 -14.66
C LEU A 197 20.82 -3.82 -13.96
N SER A 198 20.67 -2.59 -13.47
CA SER A 198 19.45 -2.20 -12.79
C SER A 198 18.78 -1.07 -13.56
N CYS A 199 17.45 -1.11 -13.62
CA CYS A 199 16.62 -0.10 -14.26
C CYS A 199 15.54 0.31 -13.25
N HIS A 200 15.64 1.52 -12.71
CA HIS A 200 14.69 2.04 -11.74
C HIS A 200 13.89 3.19 -12.34
N ALA A 201 12.57 3.13 -12.19
CA ALA A 201 11.68 4.18 -12.64
C ALA A 201 11.19 4.93 -11.41
N HIS A 202 11.52 6.22 -11.30
CA HIS A 202 11.20 7.01 -10.12
C HIS A 202 10.06 7.99 -10.36
N GLY A 203 9.13 8.04 -9.41
CA GLY A 203 8.22 9.19 -9.36
C GLY A 203 7.14 9.30 -10.41
N PHE A 204 6.55 8.19 -10.83
CA PHE A 204 5.57 8.25 -11.90
C PHE A 204 4.14 8.18 -11.34
N TYR A 205 3.19 8.70 -12.13
CA TYR A 205 1.78 8.58 -11.79
C TYR A 205 1.01 8.70 -13.10
N PRO A 206 -0.04 7.88 -13.34
CA PRO A 206 -0.68 6.83 -12.52
C PRO A 206 0.20 5.63 -12.25
N ARG A 207 -0.29 4.75 -11.38
CA ARG A 207 0.49 3.62 -10.89
C ARG A 207 0.90 2.61 -11.96
N PRO A 208 0.08 2.29 -12.96
CA PRO A 208 0.46 1.19 -13.87
C PRO A 208 1.69 1.54 -14.69
N ILE A 209 2.61 0.58 -14.79
CA ILE A 209 3.86 0.73 -15.55
C ILE A 209 4.37 -0.66 -15.91
N THR A 210 5.16 -0.73 -16.98
CA THR A 210 5.88 -1.96 -17.29
C THR A 210 7.34 -1.62 -17.58
N ILE A 211 8.23 -2.51 -17.16
CA ILE A 211 9.66 -2.41 -17.39
C ILE A 211 10.13 -3.75 -17.91
N SER A 212 10.85 -3.75 -19.03
CA SER A 212 11.34 -4.96 -19.68
C SER A 212 12.78 -4.75 -20.09
N TRP A 213 13.59 -5.80 -20.01
CA TRP A 213 14.94 -5.76 -20.56
C TRP A 213 14.97 -6.32 -21.97
N MET A 214 15.79 -5.71 -22.83
CA MET A 214 15.97 -6.16 -24.21
C MET A 214 17.44 -6.16 -24.58
N LYS A 215 17.85 -7.21 -25.30
CA LYS A 215 19.16 -7.27 -25.94
C LYS A 215 18.96 -7.47 -27.43
N ASP A 216 19.77 -6.79 -28.23
CA ASP A 216 19.66 -6.85 -29.69
C ASP A 216 18.20 -6.82 -30.11
N GLY A 217 17.44 -5.92 -29.48
CA GLY A 217 16.06 -5.71 -29.81
C GLY A 217 15.12 -6.85 -29.47
N MET A 218 15.61 -7.89 -28.79
CA MET A 218 14.79 -9.01 -28.36
C MET A 218 14.62 -8.96 -26.84
N VAL A 219 13.39 -9.17 -26.36
CA VAL A 219 13.15 -9.15 -24.93
C VAL A 219 13.89 -10.32 -24.24
N ARG A 220 14.29 -10.11 -22.98
CA ARG A 220 15.06 -11.10 -22.22
C ARG A 220 14.41 -11.32 -20.85
N ASP A 221 13.29 -12.05 -20.83
CA ASP A 221 12.51 -12.24 -19.60
C ASP A 221 13.05 -13.33 -18.68
N GLN A 222 13.79 -14.31 -19.20
CA GLN A 222 14.11 -15.50 -18.42
C GLN A 222 14.84 -15.17 -17.13
N GLU A 223 15.89 -14.34 -17.20
CA GLU A 223 16.70 -14.04 -16.03
C GLU A 223 16.49 -12.62 -15.49
N THR A 224 15.29 -12.07 -15.65
CA THR A 224 15.01 -10.76 -15.09
C THR A 224 14.32 -10.91 -13.74
N ARG A 225 14.64 -9.98 -12.84
CA ARG A 225 13.98 -9.86 -11.55
C ARG A 225 13.28 -8.50 -11.49
N TRP A 226 12.07 -8.47 -10.96
CA TRP A 226 11.32 -7.24 -10.78
C TRP A 226 11.09 -6.98 -9.30
N GLY A 227 11.29 -5.74 -8.87
CA GLY A 227 11.10 -5.39 -7.47
C GLY A 227 9.66 -5.09 -7.09
N GLY A 228 8.80 -4.83 -8.06
CA GLY A 228 7.44 -4.45 -7.77
C GLY A 228 7.23 -2.95 -7.79
N ILE A 229 5.96 -2.55 -7.86
CA ILE A 229 5.57 -1.15 -7.85
C ILE A 229 5.31 -0.76 -6.41
N VAL A 230 6.08 0.21 -5.92
CA VAL A 230 6.03 0.57 -4.50
C VAL A 230 5.83 2.07 -4.37
N PRO A 231 5.25 2.53 -3.27
CA PRO A 231 4.84 3.92 -3.15
C PRO A 231 5.98 4.87 -2.78
N ASN A 232 5.89 6.09 -3.30
CA ASN A 232 6.56 7.25 -2.72
C ASN A 232 5.60 7.98 -1.78
N SER A 233 6.16 8.82 -0.90
CA SER A 233 5.28 9.49 0.05
C SER A 233 4.37 10.52 -0.60
N ASP A 234 4.64 10.96 -1.82
CA ASP A 234 3.90 12.06 -2.42
C ASP A 234 2.79 11.58 -3.36
N GLY A 235 2.45 10.30 -3.34
CA GLY A 235 1.44 9.76 -4.24
C GLY A 235 1.93 9.31 -5.60
N THR A 236 3.21 9.49 -5.91
CA THR A 236 3.79 8.84 -7.08
C THR A 236 4.32 7.46 -6.67
N TYR A 237 4.83 6.72 -7.66
CA TYR A 237 5.26 5.36 -7.47
C TYR A 237 6.69 5.17 -7.98
N HIS A 238 7.23 4.00 -7.64
CA HIS A 238 8.58 3.54 -7.96
C HIS A 238 8.49 2.11 -8.47
N ALA A 239 9.31 1.75 -9.45
CA ALA A 239 9.34 0.38 -9.92
C ALA A 239 10.74 0.08 -10.45
N SER A 240 11.10 -1.21 -10.49
CA SER A 240 12.48 -1.60 -10.83
C SER A 240 12.51 -2.97 -11.51
N ALA A 241 13.57 -3.18 -12.31
CA ALA A 241 13.87 -4.48 -12.89
C ALA A 241 15.38 -4.64 -12.98
N ALA A 242 15.88 -5.85 -12.73
CA ALA A 242 17.30 -6.13 -12.80
C ALA A 242 17.58 -7.32 -13.69
N ILE A 243 18.80 -7.34 -14.26
CA ILE A 243 19.28 -8.44 -15.09
C ILE A 243 20.79 -8.59 -14.94
N ASP A 244 21.25 -9.84 -15.03
CA ASP A 244 22.66 -10.18 -14.91
C ASP A 244 23.19 -10.58 -16.29
N VAL A 245 24.37 -10.08 -16.65
CA VAL A 245 24.90 -10.26 -18.00
C VAL A 245 26.43 -10.25 -17.93
N LEU A 246 27.08 -10.65 -19.06
CA LEU A 246 28.54 -10.60 -18.98
C LEU A 246 29.04 -9.17 -19.15
N PRO A 247 30.08 -8.77 -18.42
CA PRO A 247 30.56 -7.39 -18.52
C PRO A 247 30.81 -6.94 -19.95
N GLU A 248 31.24 -7.84 -20.82
CA GLU A 248 31.49 -7.50 -22.22
C GLU A 248 30.22 -7.11 -22.97
N ASP A 249 29.05 -7.56 -22.51
CA ASP A 249 27.79 -7.37 -23.21
C ASP A 249 26.91 -6.27 -22.61
N GLY A 250 27.43 -5.49 -21.66
CA GLY A 250 26.61 -4.51 -20.98
C GLY A 250 26.06 -3.42 -21.87
N ASP A 251 26.62 -3.26 -23.07
CA ASP A 251 26.18 -2.22 -23.99
C ASP A 251 25.02 -2.67 -24.86
N LYS A 252 24.73 -3.97 -24.92
CA LYS A 252 23.69 -4.51 -25.79
C LYS A 252 22.31 -4.54 -25.13
N TYR A 253 22.20 -4.15 -23.87
CA TYR A 253 20.99 -4.35 -23.10
C TYR A 253 20.25 -3.04 -22.95
N TRP A 254 18.95 -3.07 -23.20
CA TRP A 254 18.09 -1.90 -23.07
C TRP A 254 16.93 -2.22 -22.15
N CYS A 255 16.61 -1.28 -21.27
CA CYS A 255 15.41 -1.33 -20.46
CA CYS A 255 15.39 -1.39 -20.49
C CYS A 255 14.34 -0.50 -21.12
N ARG A 256 13.17 -1.09 -21.33
CA ARG A 256 12.05 -0.46 -22.03
C ARG A 256 10.95 -0.18 -21.03
N VAL A 257 10.51 1.08 -20.96
CA VAL A 257 9.56 1.53 -19.96
C VAL A 257 8.30 2.02 -20.65
N GLU A 258 7.15 1.49 -20.25
CA GLU A 258 5.89 1.90 -20.84
C GLU A 258 5.01 2.48 -19.74
N HIS A 259 4.47 3.68 -19.98
CA HIS A 259 3.72 4.41 -18.97
C HIS A 259 2.78 5.38 -19.67
N ALA A 260 1.61 5.64 -19.06
CA ALA A 260 0.62 6.50 -19.70
C ALA A 260 1.16 7.89 -20.00
N SER A 261 2.16 8.33 -19.25
CA SER A 261 2.72 9.66 -19.47
C SER A 261 3.68 9.70 -20.65
N LEU A 262 3.98 8.56 -21.25
CA LEU A 262 4.99 8.46 -22.29
C LEU A 262 4.30 8.13 -23.61
N PRO A 263 4.17 9.07 -24.55
CA PRO A 263 3.45 8.76 -25.81
C PRO A 263 3.95 7.48 -26.48
N GLN A 264 5.24 7.24 -26.45
CA GLN A 264 5.86 6.01 -26.91
C GLN A 264 6.69 5.42 -25.78
N PRO A 265 6.85 4.10 -25.73
CA PRO A 265 7.68 3.51 -24.68
C PRO A 265 9.12 4.00 -24.80
N GLY A 266 9.74 4.26 -23.64
CA GLY A 266 11.10 4.75 -23.63
C GLY A 266 12.10 3.63 -23.49
N LEU A 267 13.24 3.78 -24.17
CA LEU A 267 14.34 2.82 -24.13
C LEU A 267 15.54 3.47 -23.47
N PHE A 268 16.13 2.79 -22.49
CA PHE A 268 17.23 3.30 -21.67
C PHE A 268 18.38 2.29 -21.58
N SER A 269 19.62 2.79 -21.65
CA SER A 269 20.80 1.96 -21.47
C SER A 269 21.63 2.46 -20.29
N TRP A 270 22.66 1.68 -19.94
CA TRP A 270 23.58 2.05 -18.86
C TRP A 270 24.21 3.42 -19.16
N ASP B 1 6.10 -17.22 3.82
CA ASP B 1 6.79 -16.58 4.92
C ASP B 1 6.13 -15.23 5.22
N LEU B 2 5.75 -14.99 6.47
CA LEU B 2 5.13 -13.72 6.84
C LEU B 2 6.19 -12.71 7.29
N THR B 3 7.45 -12.96 6.97
CA THR B 3 8.48 -11.98 7.27
C THR B 3 8.32 -10.81 6.30
N PRO B 4 8.78 -9.62 6.70
CA PRO B 4 8.73 -8.47 5.81
C PRO B 4 9.64 -8.66 4.61
N LYS B 5 9.15 -8.23 3.44
CA LYS B 5 9.96 -8.09 2.24
C LYS B 5 10.22 -6.60 2.05
N VAL B 6 11.48 -6.21 1.97
CA VAL B 6 11.89 -4.83 2.17
C VAL B 6 12.63 -4.34 0.93
N GLN B 7 12.38 -3.08 0.55
CA GLN B 7 13.13 -2.43 -0.52
C GLN B 7 13.47 -1.03 -0.05
N VAL B 8 14.65 -0.56 -0.44
CA VAL B 8 15.14 0.77 -0.07
C VAL B 8 15.47 1.52 -1.36
N TYR B 9 14.93 2.72 -1.49
CA TYR B 9 15.04 3.45 -2.75
C TYR B 9 14.87 4.94 -2.45
N SER B 10 15.47 5.78 -3.30
CA SER B 10 15.31 7.21 -3.14
C SER B 10 14.14 7.70 -3.98
N ARG B 11 13.56 8.82 -3.57
CA ARG B 11 12.42 9.37 -4.30
C ARG B 11 12.81 9.72 -5.73
N PHE B 12 13.92 10.45 -5.89
CA PHE B 12 14.48 10.88 -7.16
C PHE B 12 15.76 10.10 -7.45
N PRO B 13 16.12 9.92 -8.71
CA PRO B 13 17.42 9.31 -9.01
C PRO B 13 18.49 10.10 -8.27
N ALA B 14 19.40 9.37 -7.64
CA ALA B 14 20.27 9.92 -6.63
C ALA B 14 21.49 10.54 -7.27
N SER B 15 21.96 11.63 -6.66
CA SER B 15 23.15 12.33 -7.10
CA SER B 15 23.19 12.28 -7.08
C SER B 15 23.76 13.01 -5.88
N ALA B 16 25.06 12.86 -5.68
CA ALA B 16 25.73 13.34 -4.48
C ALA B 16 25.50 14.83 -4.26
N GLY B 17 25.15 15.20 -3.04
CA GLY B 17 24.95 16.58 -2.67
C GLY B 17 23.64 17.21 -3.13
N THR B 18 22.72 16.47 -3.74
CA THR B 18 21.44 17.05 -4.14
C THR B 18 20.33 16.48 -3.27
N LYS B 19 19.49 17.37 -2.74
CA LYS B 19 18.49 16.97 -1.74
C LYS B 19 17.51 15.97 -2.33
N ASN B 20 17.02 15.09 -1.48
CA ASN B 20 16.29 13.91 -1.96
C ASN B 20 15.45 13.40 -0.80
N VAL B 21 14.81 12.25 -1.01
CA VAL B 21 14.05 11.55 0.03
C VAL B 21 14.41 10.07 -0.04
N LEU B 22 14.76 9.49 1.10
CA LEU B 22 15.06 8.06 1.19
C LEU B 22 13.83 7.32 1.69
N ASN B 23 13.49 6.22 1.03
CA ASN B 23 12.29 5.44 1.32
C ASN B 23 12.70 4.06 1.77
N CYS B 24 11.99 3.52 2.74
CA CYS B 24 12.10 2.12 3.07
C CYS B 24 10.68 1.58 3.07
N PHE B 25 10.41 0.60 2.22
CA PHE B 25 9.07 0.02 2.13
C PHE B 25 9.11 -1.45 2.52
N ALA B 26 8.34 -1.80 3.54
CA ALA B 26 8.21 -3.17 4.00
C ALA B 26 6.81 -3.66 3.67
N ALA B 27 6.70 -4.87 3.13
CA ALA B 27 5.41 -5.39 2.73
C ALA B 27 5.35 -6.90 3.00
N GLY B 28 4.14 -7.45 2.91
CA GLY B 28 3.97 -8.88 3.01
C GLY B 28 4.06 -9.47 4.40
N PHE B 29 4.00 -8.67 5.46
CA PHE B 29 4.23 -9.21 6.79
C PHE B 29 2.97 -9.30 7.62
N HIS B 30 3.04 -10.13 8.66
CA HIS B 30 2.04 -10.27 9.73
C HIS B 30 2.80 -10.76 10.95
N PRO B 31 2.48 -10.27 12.15
CA PRO B 31 1.51 -9.24 12.50
C PRO B 31 1.93 -7.85 12.06
N PRO B 32 1.06 -6.86 12.26
CA PRO B 32 1.36 -5.51 11.78
C PRO B 32 2.40 -4.77 12.59
N LYS B 33 2.63 -5.11 13.85
CA LYS B 33 3.65 -4.40 14.60
C LYS B 33 5.01 -4.61 13.95
N ILE B 34 5.71 -3.51 13.65
CA ILE B 34 7.00 -3.60 12.97
C ILE B 34 7.79 -2.36 13.31
N SER B 35 9.11 -2.49 13.37
CA SER B 35 10.02 -1.37 13.54
CA SER B 35 10.02 -1.36 13.54
C SER B 35 10.83 -1.22 12.26
N ILE B 36 10.86 -0.01 11.72
CA ILE B 36 11.58 0.29 10.48
C ILE B 36 12.31 1.60 10.71
N THR B 37 13.65 1.57 10.67
CA THR B 37 14.47 2.75 10.96
C THR B 37 15.39 3.04 9.79
N LEU B 38 15.30 4.24 9.25
CA LEU B 38 16.26 4.71 8.25
C LEU B 38 17.53 5.17 8.97
N MET B 39 18.68 4.86 8.37
CA MET B 39 19.96 5.07 9.03
C MET B 39 21.00 5.64 8.08
N LYS B 40 21.81 6.57 8.59
CA LYS B 40 23.00 7.07 7.91
C LYS B 40 24.21 6.62 8.71
N ASP B 41 25.10 5.87 8.08
CA ASP B 41 26.29 5.37 8.76
C ASP B 41 25.92 4.77 10.12
N GLY B 42 24.86 3.96 10.14
CA GLY B 42 24.47 3.29 11.36
C GLY B 42 23.73 4.14 12.38
N VAL B 43 23.47 5.40 12.09
CA VAL B 43 22.84 6.34 13.03
C VAL B 43 21.45 6.68 12.50
N PRO B 44 20.39 6.59 13.31
CA PRO B 44 19.05 6.85 12.79
C PRO B 44 18.95 8.26 12.22
N MET B 45 18.22 8.36 11.11
CA MET B 45 18.11 9.60 10.35
C MET B 45 17.01 10.46 10.98
N GLU B 46 17.23 11.77 11.02
CA GLU B 46 16.26 12.67 11.63
C GLU B 46 15.07 12.94 10.69
N GLY B 47 13.90 13.09 11.29
CA GLY B 47 12.73 13.54 10.55
C GLY B 47 11.99 12.47 9.78
N ALA B 48 12.20 11.20 10.12
CA ALA B 48 11.46 10.14 9.47
C ALA B 48 9.97 10.24 9.76
N GLN B 49 9.17 9.83 8.78
CA GLN B 49 7.72 9.75 8.87
C GLN B 49 7.30 8.36 8.41
N TYR B 50 6.11 7.94 8.86
CA TYR B 50 5.62 6.58 8.77
C TYR B 50 4.22 6.63 8.15
N SER B 51 3.93 5.71 7.21
CA SER B 51 2.60 5.68 6.64
C SER B 51 1.63 5.03 7.63
N ASP B 52 0.33 5.34 7.48
CA ASP B 52 -0.73 4.65 8.24
C ASP B 52 -0.80 3.19 7.84
N MET B 53 -1.09 2.31 8.80
CA MET B 53 -1.18 0.85 8.50
C MET B 53 -2.21 0.57 7.41
N SER B 54 -1.82 -0.13 6.34
CA SER B 54 -2.71 -0.57 5.29
C SER B 54 -2.19 -1.96 4.95
N PHE B 55 -2.80 -2.59 3.97
CA PHE B 55 -2.48 -3.96 3.70
C PHE B 55 -2.81 -4.25 2.26
N ASN B 56 -2.30 -5.38 1.82
CA ASN B 56 -2.52 -5.86 0.47
C ASN B 56 -3.84 -6.61 0.39
N ASP B 57 -4.27 -6.89 -0.84
CA ASP B 57 -5.49 -7.65 -1.07
C ASP B 57 -5.41 -9.04 -0.46
N ASP B 58 -4.21 -9.58 -0.32
CA ASP B 58 -4.05 -10.86 0.35
C ASP B 58 -3.98 -10.73 1.88
N TRP B 59 -4.26 -9.55 2.43
CA TRP B 59 -4.38 -9.24 3.86
C TRP B 59 -3.04 -8.93 4.52
N THR B 60 -1.90 -9.13 3.85
CA THR B 60 -0.62 -8.87 4.49
C THR B 60 -0.36 -7.37 4.58
N PHE B 61 0.36 -6.98 5.61
CA PHE B 61 0.51 -5.57 5.95
C PHE B 61 1.71 -4.96 5.24
N GLN B 62 1.74 -3.63 5.24
CA GLN B 62 2.82 -2.93 4.59
C GLN B 62 2.93 -1.53 5.17
N ARG B 63 4.12 -0.97 5.04
CA ARG B 63 4.38 0.35 5.59
C ARG B 63 5.55 0.98 4.86
N LEU B 64 5.40 2.27 4.57
CA LEU B 64 6.46 3.08 4.00
C LEU B 64 6.97 4.02 5.07
N VAL B 65 8.30 4.09 5.21
CA VAL B 65 8.97 5.10 6.03
C VAL B 65 9.88 5.92 5.11
N HIS B 66 9.89 7.24 5.29
CA HIS B 66 10.67 8.11 4.42
C HIS B 66 11.24 9.27 5.23
N ALA B 67 12.33 9.85 4.72
CA ALA B 67 13.05 10.93 5.37
C ALA B 67 13.81 11.72 4.31
N ASP B 68 13.76 13.04 4.41
CA ASP B 68 14.57 13.89 3.51
C ASP B 68 16.04 13.62 3.78
N PHE B 69 16.87 13.59 2.75
CA PHE B 69 18.30 13.43 3.03
C PHE B 69 19.10 14.01 1.87
N THR B 70 20.33 14.38 2.16
CA THR B 70 21.15 14.78 1.01
C THR B 70 22.27 13.77 0.82
N PRO B 71 22.19 12.89 -0.17
CA PRO B 71 23.12 11.74 -0.18
C PRO B 71 24.55 12.20 -0.35
N SER B 72 25.44 11.60 0.43
CA SER B 72 26.86 11.89 0.40
CA SER B 72 26.86 11.89 0.41
C SER B 72 27.60 10.70 -0.21
N SER B 73 28.50 10.98 -1.14
CA SER B 73 29.24 9.86 -1.73
C SER B 73 29.99 9.05 -0.69
N GLY B 74 30.28 9.64 0.48
CA GLY B 74 31.06 8.95 1.50
C GLY B 74 30.29 8.15 2.54
N SER B 75 28.96 8.24 2.54
CA SER B 75 28.19 7.63 3.62
C SER B 75 27.48 6.37 3.13
N THR B 76 27.05 5.56 4.08
CA THR B 76 26.23 4.40 3.79
C THR B 76 24.85 4.62 4.37
N TYR B 77 23.83 4.27 3.60
CA TYR B 77 22.44 4.46 4.00
C TYR B 77 21.76 3.10 3.99
N ALA B 78 20.92 2.85 4.99
CA ALA B 78 20.34 1.53 5.16
C ALA B 78 19.03 1.67 5.92
N CYS B 79 18.29 0.56 5.97
CA CYS B 79 17.01 0.48 6.66
C CYS B 79 17.06 -0.74 7.56
N LYS B 80 16.84 -0.55 8.86
CA LYS B 80 16.86 -1.62 9.83
C LYS B 80 15.42 -2.02 10.16
N VAL B 81 15.12 -3.30 10.00
CA VAL B 81 13.77 -3.81 10.18
C VAL B 81 13.78 -4.81 11.33
N GLU B 82 12.88 -4.60 12.27
CA GLU B 82 12.67 -5.54 13.37
C GLU B 82 11.23 -6.01 13.33
N HIS B 83 11.04 -7.32 13.37
CA HIS B 83 9.71 -7.91 13.29
C HIS B 83 9.73 -9.23 14.03
N GLU B 84 8.60 -9.55 14.64
CA GLU B 84 8.53 -10.76 15.46
C GLU B 84 8.89 -12.03 14.68
N THR B 85 8.93 -11.99 13.35
CA THR B 85 9.34 -13.17 12.60
C THR B 85 10.85 -13.27 12.44
N LEU B 86 11.61 -12.25 12.84
CA LEU B 86 13.05 -12.22 12.62
C LEU B 86 13.77 -12.42 13.95
N LYS B 87 14.72 -13.34 13.97
CA LYS B 87 15.49 -13.58 15.19
C LYS B 87 16.25 -12.32 15.60
N GLU B 88 16.81 -11.60 14.64
CA GLU B 88 17.63 -10.42 14.89
C GLU B 88 17.23 -9.35 13.88
N PRO B 89 17.61 -8.10 14.12
CA PRO B 89 17.32 -7.04 13.15
C PRO B 89 17.93 -7.36 11.79
N GLN B 90 17.21 -7.03 10.73
CA GLN B 90 17.67 -7.16 9.35
C GLN B 90 17.98 -5.77 8.80
N VAL B 91 19.15 -5.61 8.22
CA VAL B 91 19.64 -4.31 7.74
C VAL B 91 19.74 -4.34 6.22
N TYR B 92 19.01 -3.45 5.56
CA TYR B 92 18.92 -3.42 4.11
C TYR B 92 19.64 -2.17 3.61
N LYS B 93 20.74 -2.36 2.90
CA LYS B 93 21.56 -1.23 2.47
C LYS B 93 20.96 -0.61 1.22
N TRP B 94 20.95 0.72 1.17
CA TRP B 94 20.57 1.45 -0.02
C TRP B 94 21.69 1.37 -1.06
N ASP B 95 21.36 0.83 -2.24
CA ASP B 95 22.26 0.91 -3.37
C ASP B 95 22.11 2.28 -4.03
N PRO B 96 23.09 3.17 -3.88
CA PRO B 96 22.95 4.52 -4.45
C PRO B 96 22.85 4.49 -5.98
N GLU B 97 22.12 5.45 -6.52
CA GLU B 97 21.88 5.52 -7.94
C GLU B 97 23.17 5.84 -8.70
N PHE B 98 24.26 6.09 -7.98
CA PHE B 98 25.51 6.60 -8.53
C PHE B 98 26.70 5.89 -7.90
N GLY C 1 -19.40 -3.70 11.99
CA GLY C 1 -19.76 -5.10 11.94
C GLY C 1 -19.64 -5.82 13.28
N ILE C 2 -20.78 -6.16 13.87
CA ILE C 2 -20.84 -6.90 15.13
C ILE C 2 -20.74 -8.39 14.77
N ILE C 3 -19.54 -8.96 14.88
CA ILE C 3 -19.28 -10.32 14.42
C ILE C 3 -19.36 -11.32 15.56
N PHE C 4 -18.73 -11.01 16.69
CA PHE C 4 -18.65 -11.92 17.82
C PHE C 4 -19.65 -11.50 18.90
N SER C 5 -20.47 -12.46 19.33
CA SER C 5 -21.48 -12.22 20.36
C SER C 5 -22.37 -11.03 20.05
C1 PGE D . 13.94 7.26 -24.05
O1 PGE D . 13.68 8.40 -23.23
C2 PGE D . 14.02 7.56 -25.51
O2 PGE D . 14.18 6.35 -26.25
C3 PGE D . 12.97 5.78 -26.74
C4 PGE D . 12.96 5.81 -28.24
O4 PGE D . 9.64 8.44 -28.34
C6 PGE D . 10.47 7.34 -28.00
C5 PGE D . 10.91 6.56 -29.19
O3 PGE D . 11.71 5.45 -28.80
H1 PGE D . 13.23 6.60 -23.89
H12 PGE D . 14.79 6.87 -23.76
HO1 PGE D . 14.29 8.98 -23.36
H2 PGE D . 13.20 8.01 -25.81
H22 PGE D . 14.78 8.15 -25.69
H3 PGE D . 12.89 4.86 -26.42
H32 PGE D . 12.20 6.30 -26.39
H4 PGE D . 13.20 6.71 -28.54
H42 PGE D . 13.64 5.19 -28.57
HO4 PGE D . 10.06 8.95 -28.87
H6 PGE D . 11.27 7.67 -27.52
H62 PGE D . 9.98 6.74 -27.39
H5 PGE D . 10.12 6.23 -29.68
H52 PGE D . 11.42 7.14 -29.80
C1 GOL E . 23.59 6.42 -16.62
O1 GOL E . 24.99 6.72 -16.27
C2 GOL E . 22.55 7.56 -16.24
O2 GOL E . 21.25 6.99 -15.99
C3 GOL E . 23.23 8.28 -15.08
O3 GOL E . 23.02 9.65 -15.35
H11 GOL E . 23.30 5.60 -16.18
H12 GOL E . 23.50 6.25 -17.57
HO1 GOL E . 25.28 7.20 -16.90
H2 GOL E . 22.38 8.20 -16.95
HO2 GOL E . 20.68 7.59 -16.18
H31 GOL E . 24.17 8.03 -15.03
H32 GOL E . 22.84 7.99 -14.24
HO3 GOL E . 23.59 9.88 -15.96
CL CL F . 20.26 6.00 -22.59
CL CL G . -4.93 4.02 20.25
CL CL H . 12.97 10.75 -21.29
NA NA I . -8.66 -16.90 20.70
NA NA J . 11.55 8.57 -22.79
C1 MYR K . -18.42 -3.15 11.10
O1 MYR K . -18.16 -4.06 10.04
C2 MYR K . -17.67 -1.82 10.95
C3 MYR K . -18.02 -1.08 9.63
C4 MYR K . -17.36 0.33 9.56
C5 MYR K . -17.85 1.03 8.27
C6 MYR K . -17.48 2.54 8.06
C7 MYR K . -16.02 2.81 8.01
C8 MYR K . -15.60 4.30 7.80
C9 MYR K . -16.06 4.98 6.50
C10 MYR K . -15.44 6.41 6.43
C11 MYR K . -13.89 6.31 6.42
C12 MYR K . -13.30 7.73 6.39
C13 MYR K . -11.76 7.84 6.40
C14 MYR K . -11.09 7.23 5.16
#